data_8W3G
#
_entry.id   8W3G
#
_cell.length_a   168.824
_cell.length_b   168.824
_cell.length_c   168.824
_cell.angle_alpha   90.000
_cell.angle_beta   90.000
_cell.angle_gamma   90.000
#
_symmetry.space_group_name_H-M   'P 41 3 2'
#
loop_
_entity.id
_entity.type
_entity.pdbx_description
1 polymer 'Prefusion-stabilized RSV F protein UFCR1(1TD0)'
2 non-polymer 1,2-ETHANEDIOL
3 non-polymer 2-acetamido-2-deoxy-beta-D-glucopyranose
4 water water
#
_entity_poly.entity_id   1
_entity_poly.type   'polypeptide(L)'
_entity_poly.pdbx_seq_one_letter_code
;MGILPSPGMPALLSLVSLLSVLLMGCVAEQNITEEFYQSTCSAVSKGYLSALRTGWYTSVITIELSNIKENKCNGTDAKV
KLIKQELDKYKNAVTDLQLLMQSTPATGSGSAIASGVAVCKVLHLEGEVNKIKSALLSTNKAVVSLSNGVSVLTSKVLDL
KNYIDKQLLPIVNKQSCSIPNIETVIEFQQKNNRLLEITREFSVNAGVTTPVSTYMLTNSELLSLINDMPITNDQKKLMS
NNVQIVRQQSYSIMCIIKEEVLAYVVQLPLYGVIDTPCWKLHTSPLCTTNTKEGSNICLTRTDRGWYCDNAGSVSFFPQA
ETCKVQSNRVFCDTMNSLTLPSEVNLCNVDIFNPKYDCKIMTSKTDVSSSVITSLGAIVSCYGKTKCTASNKNRGIIKTF
SNGCDYVSNKGVDTVSVGNTLYYVNKQEGKSLYVKGEPIINFYDPLVFPSDEFDASISQVNEKINQSLAFIRKSDELLAS
GGGGSASGDIIKLLNEQVNKEMQSSNLYMSMSSWCYTHSLDGAGLFLFDHAAEEYEHAKKLIIFLNENNVPVQLTSISAP
EHKFEGLTQIFQKAYEHEQHISESINNIVDHAIKSKDHATFNFLQWYVAEQHEEEVLFKDILDKIELIGNENHGLYLAD
;
_entity_poly.pdbx_strand_id   F
#
# COMPACT_ATOMS: atom_id res chain seq x y z
N GLN A 30 2.18 -17.77 -14.76
CA GLN A 30 0.83 -17.81 -14.20
C GLN A 30 -0.25 -17.51 -15.24
N ASN A 31 -1.26 -18.37 -15.33
CA ASN A 31 -2.32 -18.16 -16.31
C ASN A 31 -3.47 -17.38 -15.65
N ILE A 32 -3.75 -16.19 -16.15
CA ILE A 32 -4.87 -15.38 -15.66
C ILE A 32 -6.17 -15.80 -16.32
N THR A 33 -7.20 -16.10 -15.52
CA THR A 33 -8.47 -16.45 -16.12
C THR A 33 -9.53 -15.57 -15.49
N GLU A 34 -10.69 -15.48 -16.13
CA GLU A 34 -11.79 -14.67 -15.62
C GLU A 34 -13.10 -15.41 -15.84
N GLU A 35 -14.08 -15.12 -14.99
CA GLU A 35 -15.42 -15.71 -15.08
C GLU A 35 -16.47 -14.66 -14.79
N PHE A 36 -17.32 -14.37 -15.78
CA PHE A 36 -18.44 -13.47 -15.59
C PHE A 36 -19.72 -14.23 -15.27
N TYR A 37 -20.43 -13.82 -14.21
CA TYR A 37 -21.65 -14.50 -13.81
C TYR A 37 -22.78 -13.54 -14.20
N GLN A 38 -23.45 -13.90 -15.29
CA GLN A 38 -24.57 -13.12 -15.81
C GLN A 38 -25.70 -13.07 -14.81
N SER A 39 -25.83 -14.09 -13.99
CA SER A 39 -26.94 -14.14 -13.06
C SER A 39 -26.80 -13.12 -11.94
N THR A 40 -25.58 -12.79 -11.56
CA THR A 40 -25.36 -11.89 -10.43
C THR A 40 -24.63 -10.62 -10.84
N CYS A 41 -24.35 -10.44 -12.12
CA CYS A 41 -23.65 -9.23 -12.58
C CYS A 41 -22.34 -9.08 -11.83
N SER A 42 -21.55 -10.17 -11.79
CA SER A 42 -20.28 -10.12 -11.05
C SER A 42 -19.26 -10.93 -11.82
N ALA A 43 -17.99 -10.62 -11.62
CA ALA A 43 -16.87 -11.32 -12.25
C ALA A 43 -15.77 -11.64 -11.26
N VAL A 44 -15.05 -12.74 -11.49
CA VAL A 44 -13.92 -13.15 -10.67
C VAL A 44 -12.69 -13.35 -11.54
N SER A 45 -11.62 -12.61 -11.24
CA SER A 45 -10.33 -12.68 -11.92
C SER A 45 -9.43 -13.61 -11.10
N LYS A 46 -9.13 -14.80 -11.63
CA LYS A 46 -8.33 -15.84 -10.98
C LYS A 46 -6.89 -15.94 -11.54
N GLY A 47 -6.07 -16.72 -10.81
CA GLY A 47 -4.72 -17.06 -11.21
C GLY A 47 -3.63 -16.25 -10.54
N TYR A 48 -3.99 -15.36 -9.61
CA TYR A 48 -3.05 -14.50 -8.92
C TYR A 48 -2.44 -15.24 -7.73
N LEU A 49 -1.16 -14.93 -7.46
CA LEU A 49 -0.39 -15.45 -6.35
C LEU A 49 -0.27 -14.44 -5.20
N SER A 50 -0.34 -14.91 -3.95
CA SER A 50 -0.34 -14.03 -2.79
C SER A 50 1.07 -13.64 -2.34
N ALA A 51 1.17 -12.47 -1.71
CA ALA A 51 2.26 -12.15 -0.82
C ALA A 51 1.68 -11.19 0.22
N LEU A 52 1.29 -11.77 1.35
CA LEU A 52 0.64 -11.07 2.45
C LEU A 52 1.64 -10.72 3.53
N ARG A 53 1.63 -9.48 4.00
CA ARG A 53 2.52 -9.11 5.10
C ARG A 53 1.93 -9.61 6.40
N THR A 54 2.74 -10.38 7.11
CA THR A 54 2.40 -10.95 8.39
C THR A 54 3.39 -10.57 9.46
N GLY A 55 4.57 -10.06 9.08
CA GLY A 55 5.55 -9.67 10.07
C GLY A 55 6.30 -8.42 9.68
N TRP A 56 7.15 -7.98 10.60
CA TRP A 56 7.99 -6.81 10.41
C TRP A 56 9.43 -7.19 10.69
N TYR A 57 10.36 -6.62 9.92
CA TYR A 57 11.77 -6.78 10.21
C TYR A 57 12.31 -5.37 10.47
N THR A 58 12.69 -5.07 11.70
CA THR A 58 13.19 -3.73 11.94
C THR A 58 14.71 -3.69 11.81
N SER A 59 15.22 -2.53 11.41
CA SER A 59 16.67 -2.39 11.27
C SER A 59 17.02 -0.96 11.61
N VAL A 60 18.16 -0.76 12.28
CA VAL A 60 18.55 0.58 12.69
C VAL A 60 19.49 1.19 11.66
N ILE A 61 19.18 2.41 11.23
CA ILE A 61 19.96 3.20 10.27
C ILE A 61 20.50 4.40 11.03
N THR A 62 21.82 4.50 11.10
CA THR A 62 22.56 5.52 11.82
C THR A 62 23.31 6.49 10.90
N ILE A 63 23.44 7.70 11.42
CA ILE A 63 24.25 8.75 10.81
C ILE A 63 25.16 9.31 11.90
N GLU A 64 26.46 9.13 11.72
CA GLU A 64 27.48 9.58 12.68
C GLU A 64 27.59 11.09 12.57
N LEU A 65 27.23 11.79 13.63
CA LEU A 65 27.21 13.23 13.64
C LEU A 65 28.40 13.83 14.39
N SER A 66 28.56 15.14 14.21
CA SER A 66 29.62 15.93 14.80
C SER A 66 28.99 16.82 15.84
N ASN A 67 29.43 16.65 17.09
CA ASN A 67 28.95 17.43 18.22
C ASN A 67 29.59 18.78 18.27
N ILE A 68 30.18 19.18 17.14
CA ILE A 68 30.82 20.48 17.06
C ILE A 68 29.82 21.56 17.42
N LYS A 69 30.33 22.67 17.93
CA LYS A 69 29.56 23.85 18.21
C LYS A 69 30.06 24.95 17.28
N GLU A 70 29.27 26.00 17.15
CA GLU A 70 29.61 27.04 16.19
C GLU A 70 30.92 27.70 16.59
N ASN A 71 31.77 27.95 15.62
CA ASN A 71 33.03 28.61 15.90
C ASN A 71 33.16 29.81 14.97
N LYS A 72 33.59 30.91 15.56
CA LYS A 72 33.77 32.18 14.90
C LYS A 72 35.24 32.57 14.94
N CYS A 73 35.81 32.83 13.79
CA CYS A 73 37.16 33.36 13.76
C CYS A 73 37.13 34.52 12.77
N ASN A 74 38.20 35.33 12.74
CA ASN A 74 38.20 36.40 11.74
C ASN A 74 38.11 35.77 10.35
N GLY A 75 36.96 35.85 9.70
CA GLY A 75 36.81 35.31 8.36
C GLY A 75 36.10 36.18 7.36
N THR A 76 36.65 36.27 6.16
CA THR A 76 35.96 37.07 5.16
C THR A 76 36.12 36.44 3.80
N ASP A 77 37.11 35.56 3.62
CA ASP A 77 37.36 34.99 2.32
C ASP A 77 36.16 34.18 1.87
N ALA A 78 35.91 34.18 0.56
CA ALA A 78 34.62 33.67 0.10
C ALA A 78 34.43 32.18 0.41
N LYS A 79 35.53 31.42 0.46
CA LYS A 79 35.46 29.99 0.71
C LYS A 79 35.08 29.70 2.16
N VAL A 80 35.57 30.54 3.06
CA VAL A 80 35.23 30.41 4.46
C VAL A 80 33.76 30.73 4.64
N LYS A 81 33.25 31.73 3.94
CA LYS A 81 31.84 32.04 4.04
C LYS A 81 30.99 30.87 3.58
N LEU A 82 31.35 30.23 2.47
CA LEU A 82 30.55 29.12 1.97
C LEU A 82 30.55 27.96 2.97
N ILE A 83 31.71 27.69 3.57
CA ILE A 83 31.80 26.62 4.56
C ILE A 83 30.94 26.93 5.78
N LYS A 84 31.03 28.16 6.30
CA LYS A 84 30.22 28.52 7.48
C LYS A 84 28.72 28.48 7.18
N GLN A 85 28.32 28.84 5.96
CA GLN A 85 26.92 28.75 5.56
C GLN A 85 26.44 27.31 5.57
N GLU A 86 27.19 26.42 4.93
CA GLU A 86 26.80 25.03 4.95
C GLU A 86 26.85 24.46 6.37
N LEU A 87 27.75 24.97 7.22
CA LEU A 87 27.79 24.48 8.58
C LEU A 87 26.56 24.92 9.35
N ASP A 88 26.03 26.11 9.04
CA ASP A 88 24.80 26.49 9.74
C ASP A 88 23.64 25.64 9.27
N LYS A 89 23.61 25.26 7.99
CA LYS A 89 22.55 24.35 7.60
C LYS A 89 22.67 23.00 8.28
N TYR A 90 23.91 22.56 8.56
CA TYR A 90 24.09 21.34 9.36
C TYR A 90 23.66 21.51 10.82
N LYS A 91 23.92 22.68 11.42
CA LYS A 91 23.57 22.84 12.83
C LYS A 91 22.07 22.94 12.99
N ASN A 92 21.40 23.66 12.08
CA ASN A 92 19.95 23.73 12.11
CA ASN A 92 19.95 23.73 12.13
C ASN A 92 19.33 22.36 11.88
N ALA A 93 19.93 21.56 11.00
CA ALA A 93 19.37 20.24 10.79
C ALA A 93 19.43 19.41 12.05
N VAL A 94 20.53 19.55 12.82
CA VAL A 94 20.62 18.80 14.07
C VAL A 94 19.66 19.33 15.12
N THR A 95 19.53 20.65 15.25
CA THR A 95 18.63 21.16 16.27
C THR A 95 17.17 20.90 15.90
N ASP A 96 16.85 20.90 14.61
CA ASP A 96 15.50 20.59 14.15
C ASP A 96 15.16 19.13 14.44
N LEU A 97 16.12 18.22 14.24
CA LEU A 97 15.87 16.83 14.57
C LEU A 97 15.74 16.66 16.07
N GLN A 98 16.36 17.54 16.83
CA GLN A 98 16.28 17.44 18.27
C GLN A 98 14.92 17.91 18.78
N LEU A 99 14.42 19.03 18.25
CA LEU A 99 13.08 19.45 18.68
C LEU A 99 11.98 18.55 18.09
N LEU A 100 12.28 17.81 17.01
CA LEU A 100 11.34 16.82 16.47
C LEU A 100 11.28 15.60 17.36
N MET A 101 12.40 15.31 18.02
CA MET A 101 12.56 14.14 18.88
C MET A 101 12.14 14.36 20.32
N GLN A 102 12.05 15.61 20.75
CA GLN A 102 11.51 15.95 22.07
C GLN A 102 10.05 15.54 22.23
N SER A 103 9.23 15.75 21.20
CA SER A 103 7.83 15.37 21.22
C SER A 103 7.48 14.71 19.89
N THR A 104 7.25 13.40 19.92
CA THR A 104 6.96 12.62 18.71
C THR A 104 5.48 12.25 18.68
N PRO A 105 4.77 12.73 17.67
CA PRO A 105 3.32 12.48 17.55
C PRO A 105 2.85 11.05 17.28
N ALA A 106 1.75 10.70 17.96
CA ALA A 106 1.06 9.43 17.80
C ALA A 106 0.41 9.39 16.41
N THR A 107 0.32 8.20 15.79
CA THR A 107 -0.29 8.15 14.47
C THR A 107 -1.52 7.25 14.50
N GLY A 108 -2.51 7.62 15.32
CA GLY A 108 -3.78 6.93 15.40
C GLY A 108 -3.69 5.54 15.99
N SER A 109 -3.19 5.44 17.22
CA SER A 109 -3.05 4.18 17.97
C SER A 109 -1.83 3.41 17.51
N GLY A 110 -1.01 3.99 16.61
CA GLY A 110 0.14 3.33 16.06
C GLY A 110 -0.20 1.97 15.49
N SER A 111 0.28 0.93 16.16
CA SER A 111 0.03 -0.46 15.79
C SER A 111 0.76 -0.81 14.51
N ALA A 112 0.49 -0.15 13.38
CA ALA A 112 1.30 -0.66 12.28
C ALA A 112 2.79 -0.30 12.43
N ILE A 113 3.19 0.48 13.44
CA ILE A 113 4.58 0.86 13.62
C ILE A 113 5.12 0.37 14.95
N ALA A 114 4.31 -0.35 15.74
CA ALA A 114 4.68 -0.67 17.10
C ALA A 114 5.99 -1.44 17.18
N SER A 115 6.31 -2.25 16.17
CA SER A 115 7.61 -2.92 16.18
C SER A 115 8.75 -1.90 16.23
N GLY A 116 8.76 -0.99 15.27
CA GLY A 116 9.83 -0.02 15.24
C GLY A 116 9.78 0.90 16.44
N VAL A 117 8.58 1.24 16.91
CA VAL A 117 8.49 2.09 18.09
C VAL A 117 9.08 1.40 19.31
N ALA A 118 8.91 0.07 19.41
CA ALA A 118 9.52 -0.64 20.52
C ALA A 118 11.05 -0.60 20.43
N VAL A 119 11.58 -0.54 19.20
CA VAL A 119 13.03 -0.48 19.09
C VAL A 119 13.52 0.92 19.43
N CYS A 120 12.76 1.95 19.06
CA CYS A 120 13.19 3.29 19.43
C CYS A 120 13.15 3.45 20.94
N LYS A 121 12.19 2.82 21.61
CA LYS A 121 12.13 2.94 23.06
C LYS A 121 13.30 2.22 23.73
N VAL A 122 13.78 1.14 23.12
CA VAL A 122 14.95 0.43 23.66
C VAL A 122 16.19 1.28 23.46
N LEU A 123 16.24 1.96 22.33
CA LEU A 123 17.38 2.79 21.96
C LEU A 123 17.56 3.94 22.95
N HIS A 124 16.48 4.42 23.56
CA HIS A 124 16.58 5.50 24.54
C HIS A 124 17.24 5.06 25.85
N LEU A 125 17.43 3.76 26.07
CA LEU A 125 18.14 3.31 27.26
C LEU A 125 19.62 3.70 27.22
N GLU A 126 20.17 3.91 28.42
CA GLU A 126 21.57 4.30 28.55
C GLU A 126 22.47 3.12 28.21
N GLY A 127 23.42 3.36 27.32
CA GLY A 127 24.31 2.33 26.91
C GLY A 127 23.91 1.65 25.63
N GLU A 128 22.69 1.89 25.16
CA GLU A 128 22.27 1.19 23.96
C GLU A 128 22.83 1.86 22.70
N VAL A 129 22.84 3.20 22.68
CA VAL A 129 23.47 3.84 21.54
C VAL A 129 24.97 3.56 21.53
N ASN A 130 25.60 3.37 22.71
CA ASN A 130 27.02 3.03 22.72
C ASN A 130 27.24 1.63 22.17
N LYS A 131 26.23 0.78 22.27
CA LYS A 131 26.40 -0.58 21.78
C LYS A 131 26.44 -0.55 20.26
N ILE A 132 25.44 0.09 19.66
CA ILE A 132 25.50 0.21 18.19
C ILE A 132 26.71 1.06 17.76
N LYS A 133 27.13 2.02 18.58
CA LYS A 133 28.30 2.83 18.25
C LYS A 133 29.56 1.99 18.23
N SER A 134 29.59 0.93 19.01
CA SER A 134 30.76 0.07 19.03
C SER A 134 30.72 -0.91 17.88
N ALA A 135 29.53 -1.44 17.58
CA ALA A 135 29.49 -2.42 16.51
C ALA A 135 29.78 -1.77 15.16
N LEU A 136 29.32 -0.53 14.95
CA LEU A 136 29.63 0.15 13.69
C LEU A 136 30.89 1.01 13.78
N LEU A 137 31.87 0.60 14.57
CA LEU A 137 33.08 1.40 14.71
C LEU A 137 34.05 1.17 13.55
N SER A 138 34.05 -0.03 12.97
CA SER A 138 35.02 -0.36 11.94
C SER A 138 34.37 -0.66 10.59
N THR A 139 33.11 -1.09 10.56
CA THR A 139 32.44 -1.43 9.31
C THR A 139 31.17 -0.59 9.24
N ASN A 140 30.55 -0.57 8.05
CA ASN A 140 29.29 0.14 7.87
C ASN A 140 28.07 -0.65 8.36
N LYS A 141 28.05 -1.97 8.16
CA LYS A 141 26.93 -2.80 8.57
C LYS A 141 27.37 -3.77 9.67
N ALA A 142 26.44 -4.10 10.57
CA ALA A 142 26.76 -5.01 11.66
C ALA A 142 25.48 -5.44 12.35
N VAL A 143 25.42 -6.70 12.76
CA VAL A 143 24.30 -7.22 13.53
C VAL A 143 24.54 -6.92 15.00
N VAL A 144 23.51 -6.46 15.67
CA VAL A 144 23.57 -6.06 17.06
C VAL A 144 22.42 -6.73 17.81
N SER A 145 22.76 -7.39 18.92
CA SER A 145 21.78 -7.99 19.82
C SER A 145 21.42 -6.91 20.81
N LEU A 146 20.19 -6.43 20.75
CA LEU A 146 19.81 -5.34 21.61
C LEU A 146 19.60 -5.90 23.02
N SER A 147 19.32 -5.03 24.00
CA SER A 147 19.12 -5.51 25.37
C SER A 147 17.69 -5.90 25.66
N ASN A 148 16.95 -6.33 24.63
CA ASN A 148 15.59 -6.78 24.78
C ASN A 148 15.38 -8.04 23.96
N GLY A 149 16.46 -8.67 23.52
CA GLY A 149 16.38 -9.91 22.76
C GLY A 149 16.15 -9.78 21.27
N VAL A 150 16.16 -8.56 20.73
CA VAL A 150 15.90 -8.32 19.30
C VAL A 150 17.25 -8.16 18.61
N SER A 151 17.51 -9.06 17.66
CA SER A 151 18.71 -9.08 16.84
C SER A 151 18.55 -8.25 15.57
N VAL A 152 18.87 -6.94 15.67
CA VAL A 152 18.65 -5.99 14.58
C VAL A 152 19.90 -5.85 13.73
N LEU A 153 19.70 -5.44 12.49
CA LEU A 153 20.79 -5.18 11.58
C LEU A 153 20.96 -3.68 11.59
N THR A 154 22.15 -3.22 11.97
CA THR A 154 22.44 -1.82 12.10
C THR A 154 23.32 -1.43 10.93
N SER A 155 23.17 -0.20 10.48
CA SER A 155 23.97 0.29 9.37
C SER A 155 24.34 1.73 9.65
N LYS A 156 25.51 2.13 9.15
CA LYS A 156 26.01 3.52 9.25
C LYS A 156 26.11 4.04 7.81
N VAL A 157 25.10 4.79 7.38
CA VAL A 157 25.06 5.19 5.97
C VAL A 157 25.79 6.50 5.66
N LEU A 158 26.07 7.31 6.66
CA LEU A 158 26.73 8.58 6.41
C LEU A 158 27.58 8.91 7.63
N ASP A 159 28.77 9.44 7.40
CA ASP A 159 29.72 9.75 8.47
C ASP A 159 30.08 11.22 8.38
N LEU A 160 29.32 12.04 9.09
CA LEU A 160 29.61 13.45 9.16
C LEU A 160 30.59 13.80 10.25
N LYS A 161 30.68 13.00 11.33
CA LYS A 161 31.67 13.32 12.34
C LYS A 161 33.09 13.20 11.80
N ASN A 162 33.34 12.18 10.99
CA ASN A 162 34.67 12.01 10.43
C ASN A 162 35.01 13.14 9.47
N TYR A 163 34.05 13.57 8.67
CA TYR A 163 34.35 14.59 7.68
C TYR A 163 34.48 15.95 8.30
N ILE A 164 33.62 16.27 9.25
CA ILE A 164 33.65 17.59 9.85
C ILE A 164 34.88 17.71 10.73
N ASP A 165 35.20 16.67 11.52
CA ASP A 165 36.31 16.73 12.46
C ASP A 165 37.66 16.65 11.76
N LYS A 166 37.73 16.03 10.58
CA LYS A 166 39.02 15.92 9.90
C LYS A 166 39.24 17.05 8.90
N GLN A 167 38.20 17.45 8.18
CA GLN A 167 38.31 18.40 7.08
C GLN A 167 37.81 19.80 7.39
N LEU A 168 36.96 19.96 8.40
CA LEU A 168 36.28 21.20 8.76
C LEU A 168 36.81 21.86 10.02
N LEU A 169 37.15 21.08 11.05
CA LEU A 169 37.62 21.67 12.31
C LEU A 169 38.89 22.50 12.16
N PRO A 170 39.90 22.10 11.40
CA PRO A 170 41.05 22.99 11.18
C PRO A 170 40.67 24.31 10.53
N ILE A 171 39.47 24.44 9.97
CA ILE A 171 39.02 25.66 9.32
C ILE A 171 38.36 26.67 10.25
N VAL A 172 37.67 26.25 11.30
CA VAL A 172 36.98 27.21 12.16
C VAL A 172 37.44 27.08 13.60
N ASN A 173 37.81 25.87 14.01
CA ASN A 173 38.18 25.59 15.39
C ASN A 173 39.49 26.25 15.79
N LYS A 174 40.35 26.62 14.84
CA LYS A 174 41.58 27.27 15.25
C LYS A 174 41.25 28.71 15.70
N GLN A 175 42.27 29.49 16.04
CA GLN A 175 42.05 30.89 16.43
C GLN A 175 41.68 31.76 15.23
N SER A 176 42.45 31.68 14.15
CA SER A 176 42.11 32.37 12.91
C SER A 176 41.79 31.28 11.89
N CYS A 177 40.80 31.56 11.04
CA CYS A 177 40.32 30.54 10.11
C CYS A 177 41.36 30.12 9.09
N SER A 178 41.49 28.81 8.89
CA SER A 178 42.25 28.34 7.76
C SER A 178 41.39 28.43 6.48
N ILE A 179 42.07 28.52 5.35
CA ILE A 179 41.42 28.67 4.04
C ILE A 179 41.18 27.28 3.45
N PRO A 180 39.94 26.86 3.26
CA PRO A 180 39.70 25.57 2.60
C PRO A 180 39.72 25.64 1.08
N ASN A 181 40.12 24.53 0.47
CA ASN A 181 40.14 24.48 -0.98
C ASN A 181 38.69 24.35 -1.46
N ILE A 182 38.45 24.72 -2.73
CA ILE A 182 37.10 24.69 -3.28
C ILE A 182 36.48 23.30 -3.43
N GLU A 183 37.31 22.25 -3.52
CA GLU A 183 36.78 20.89 -3.54
C GLU A 183 36.10 20.55 -2.23
N THR A 184 36.62 21.04 -1.12
CA THR A 184 36.00 20.79 0.17
C THR A 184 34.63 21.47 0.27
N VAL A 185 34.49 22.69 -0.24
CA VAL A 185 33.20 23.34 -0.18
C VAL A 185 32.16 22.51 -0.93
N ILE A 186 32.56 21.98 -2.09
CA ILE A 186 31.59 21.21 -2.86
C ILE A 186 31.32 19.85 -2.20
N GLU A 187 32.38 19.18 -1.70
CA GLU A 187 32.21 17.89 -1.05
C GLU A 187 31.37 17.99 0.20
N PHE A 188 31.44 19.11 0.90
CA PHE A 188 30.63 19.20 2.09
C PHE A 188 29.19 19.50 1.74
N GLN A 189 28.93 20.24 0.66
CA GLN A 189 27.52 20.40 0.30
C GLN A 189 26.91 19.08 -0.18
N GLN A 190 27.73 18.23 -0.80
CA GLN A 190 27.23 16.93 -1.25
C GLN A 190 26.96 16.00 -0.08
N LYS A 191 27.87 15.94 0.88
CA LYS A 191 27.68 15.05 2.02
C LYS A 191 26.56 15.53 2.93
N ASN A 192 26.48 16.83 3.18
CA ASN A 192 25.46 17.36 4.09
C ASN A 192 24.06 17.27 3.47
N ASN A 193 23.95 17.08 2.16
CA ASN A 193 22.63 17.12 1.52
C ASN A 193 21.70 16.03 2.04
N ARG A 194 22.19 14.80 2.18
CA ARG A 194 21.30 13.73 2.64
C ARG A 194 20.77 13.99 4.04
N LEU A 195 21.58 14.59 4.90
CA LEU A 195 21.11 14.94 6.23
C LEU A 195 20.00 15.96 6.14
N LEU A 196 20.18 16.97 5.28
CA LEU A 196 19.14 18.00 5.18
C LEU A 196 17.84 17.44 4.62
N GLU A 197 17.92 16.53 3.64
CA GLU A 197 16.70 15.98 3.06
C GLU A 197 15.99 15.04 4.02
N ILE A 198 16.75 14.33 4.85
CA ILE A 198 16.12 13.45 5.81
C ILE A 198 15.40 14.28 6.85
N THR A 199 16.05 15.37 7.28
CA THR A 199 15.37 16.26 8.21
C THR A 199 14.14 16.90 7.58
N ARG A 200 14.16 17.17 6.28
CA ARG A 200 13.00 17.76 5.61
C ARG A 200 11.80 16.81 5.61
N GLU A 201 12.05 15.53 5.28
CA GLU A 201 10.97 14.55 5.24
C GLU A 201 10.45 14.29 6.64
N PHE A 202 11.35 14.19 7.61
CA PHE A 202 10.94 13.92 8.98
C PHE A 202 10.20 15.13 9.57
N SER A 203 10.49 16.34 9.09
CA SER A 203 9.82 17.51 9.66
C SER A 203 8.37 17.59 9.17
N VAL A 204 8.13 17.38 7.88
CA VAL A 204 6.74 17.52 7.42
C VAL A 204 5.84 16.35 7.82
N ASN A 205 6.40 15.20 8.19
CA ASN A 205 5.66 13.98 8.50
C ASN A 205 5.73 13.56 9.95
N ALA A 206 6.14 14.45 10.84
CA ALA A 206 6.11 14.14 12.27
C ALA A 206 6.88 12.86 12.61
N GLY A 207 8.05 12.66 11.99
CA GLY A 207 8.90 11.52 12.32
C GLY A 207 8.57 10.17 11.72
N VAL A 208 7.45 10.02 11.02
CA VAL A 208 7.05 8.75 10.40
C VAL A 208 6.78 8.91 8.91
N THR A 209 7.65 8.35 8.07
CA THR A 209 7.48 8.48 6.64
C THR A 209 7.19 7.10 6.05
N THR A 210 6.32 7.07 5.04
CA THR A 210 6.02 5.88 4.26
C THR A 210 5.44 6.46 2.98
N PRO A 211 5.88 6.04 1.79
CA PRO A 211 6.89 5.00 1.62
C PRO A 211 8.24 5.52 2.11
N VAL A 212 9.19 4.60 2.18
CA VAL A 212 10.55 4.90 2.61
C VAL A 212 11.33 5.42 1.40
N SER A 213 11.76 6.68 1.44
CA SER A 213 12.44 7.25 0.28
C SER A 213 13.88 6.75 0.15
N THR A 214 14.47 7.04 -1.02
CA THR A 214 15.88 6.72 -1.24
C THR A 214 16.78 7.58 -0.35
N TYR A 215 16.29 8.71 0.16
CA TYR A 215 17.06 9.47 1.14
C TYR A 215 17.12 8.72 2.47
N MET A 216 16.00 8.13 2.89
CA MET A 216 15.99 7.31 4.08
C MET A 216 16.79 6.05 3.86
N LEU A 217 16.67 5.46 2.67
CA LEU A 217 17.38 4.22 2.40
C LEU A 217 17.58 4.12 0.89
N THR A 218 18.82 4.17 0.43
CA THR A 218 19.07 4.06 -1.00
C THR A 218 18.74 2.65 -1.50
N ASN A 219 18.45 2.56 -2.80
CA ASN A 219 18.18 1.24 -3.36
C ASN A 219 19.33 0.30 -3.13
N SER A 220 20.56 0.80 -3.21
CA SER A 220 21.70 -0.07 -2.90
C SER A 220 21.66 -0.52 -1.46
N GLU A 221 21.35 0.40 -0.53
CA GLU A 221 21.31 0.00 0.86
C GLU A 221 20.11 -0.90 1.16
N LEU A 222 18.98 -0.69 0.48
CA LEU A 222 17.82 -1.53 0.75
C LEU A 222 18.08 -2.94 0.25
N LEU A 223 18.62 -3.07 -0.97
CA LEU A 223 18.90 -4.40 -1.51
C LEU A 223 19.94 -5.12 -0.68
N SER A 224 20.96 -4.39 -0.21
CA SER A 224 21.93 -5.01 0.68
C SER A 224 21.30 -5.40 2.02
N LEU A 225 20.32 -4.64 2.48
CA LEU A 225 19.66 -5.01 3.73
C LEU A 225 18.76 -6.22 3.53
N ILE A 226 18.14 -6.31 2.36
CA ILE A 226 17.30 -7.47 2.07
C ILE A 226 18.18 -8.70 2.00
N ASN A 227 19.34 -8.57 1.37
CA ASN A 227 20.22 -9.71 1.19
C ASN A 227 20.77 -10.20 2.52
N ASP A 228 20.88 -9.30 3.50
CA ASP A 228 21.48 -9.60 4.78
C ASP A 228 20.44 -9.98 5.84
N MET A 229 19.18 -10.19 5.46
CA MET A 229 18.03 -10.47 6.34
C MET A 229 17.93 -11.96 6.66
N PRO A 230 17.42 -12.30 7.85
CA PRO A 230 17.20 -13.72 8.23
C PRO A 230 15.95 -14.31 7.58
N ILE A 231 15.92 -14.31 6.25
CA ILE A 231 14.82 -14.84 5.47
C ILE A 231 15.35 -15.80 4.41
N THR A 232 14.43 -16.57 3.83
CA THR A 232 14.77 -17.56 2.82
C THR A 232 15.23 -16.87 1.54
N ASN A 233 15.91 -17.64 0.68
CA ASN A 233 16.34 -17.06 -0.59
C ASN A 233 15.18 -16.71 -1.52
N ASP A 234 14.07 -17.45 -1.48
CA ASP A 234 12.95 -17.00 -2.30
C ASP A 234 12.34 -15.71 -1.79
N GLN A 235 12.51 -15.42 -0.50
CA GLN A 235 11.96 -14.18 -0.01
C GLN A 235 12.90 -13.04 -0.34
N LYS A 236 14.21 -13.32 -0.41
CA LYS A 236 15.12 -12.27 -0.84
C LYS A 236 14.94 -11.97 -2.32
N LYS A 237 14.72 -13.01 -3.14
CA LYS A 237 14.45 -12.74 -4.55
C LYS A 237 13.14 -12.00 -4.74
N LEU A 238 12.18 -12.27 -3.87
CA LEU A 238 10.89 -11.64 -3.99
C LEU A 238 10.99 -10.17 -3.61
N MET A 239 11.59 -9.87 -2.47
CA MET A 239 11.68 -8.47 -2.04
C MET A 239 12.62 -7.67 -2.93
N SER A 240 13.66 -8.30 -3.50
CA SER A 240 14.61 -7.58 -4.35
C SER A 240 14.04 -7.31 -5.72
N ASN A 241 13.12 -8.15 -6.19
CA ASN A 241 12.48 -7.92 -7.48
C ASN A 241 11.27 -7.00 -7.37
N ASN A 242 10.84 -6.67 -6.16
CA ASN A 242 9.72 -5.75 -5.98
C ASN A 242 10.07 -4.69 -4.96
N VAL A 243 11.21 -4.02 -5.15
CA VAL A 243 11.64 -3.05 -4.13
C VAL A 243 10.70 -1.86 -4.06
N GLN A 244 10.08 -1.47 -5.17
CA GLN A 244 9.18 -0.32 -5.06
C GLN A 244 7.95 -0.68 -4.23
N ILE A 245 7.43 -1.91 -4.39
CA ILE A 245 6.32 -2.31 -3.52
C ILE A 245 6.79 -2.46 -2.07
N VAL A 246 8.01 -2.98 -1.86
CA VAL A 246 8.54 -3.09 -0.50
C VAL A 246 8.67 -1.70 0.12
N ARG A 247 9.15 -0.72 -0.65
CA ARG A 247 9.25 0.64 -0.11
C ARG A 247 7.89 1.19 0.26
N GLN A 248 6.90 0.96 -0.61
CA GLN A 248 5.57 1.46 -0.32
C GLN A 248 4.94 0.79 0.88
N GLN A 249 5.42 -0.38 1.27
CA GLN A 249 4.87 -1.05 2.44
C GLN A 249 5.83 -1.06 3.62
N SER A 250 6.71 -0.07 3.70
CA SER A 250 7.66 0.03 4.79
C SER A 250 7.47 1.34 5.51
N TYR A 251 8.07 1.44 6.70
CA TYR A 251 8.00 2.66 7.47
C TYR A 251 9.40 3.05 7.91
N SER A 252 9.64 4.36 7.97
CA SER A 252 10.86 4.92 8.50
C SER A 252 10.47 5.78 9.69
N ILE A 253 10.93 5.39 10.87
CA ILE A 253 10.55 6.01 12.14
C ILE A 253 11.78 6.66 12.76
N MET A 254 11.63 7.91 13.17
CA MET A 254 12.75 8.58 13.77
C MET A 254 12.85 8.17 15.23
N CYS A 255 14.05 7.73 15.61
CA CYS A 255 14.41 7.24 16.94
C CYS A 255 15.00 8.38 17.75
N ILE A 256 16.33 8.44 17.85
CA ILE A 256 16.91 9.43 18.77
C ILE A 256 18.17 10.11 18.24
N ILE A 257 18.41 11.33 18.75
CA ILE A 257 19.69 12.04 18.56
C ILE A 257 20.36 12.13 19.93
N LYS A 258 21.45 11.41 20.06
CA LYS A 258 22.14 11.31 21.33
C LYS A 258 23.59 10.88 21.10
N GLU A 259 24.54 11.59 21.70
CA GLU A 259 25.94 11.17 21.67
C GLU A 259 26.45 10.97 20.24
N GLU A 260 26.33 12.02 19.42
CA GLU A 260 26.89 12.02 18.07
C GLU A 260 26.30 10.91 17.20
N VAL A 261 25.04 10.57 17.43
CA VAL A 261 24.40 9.52 16.67
C VAL A 261 22.99 9.95 16.34
N LEU A 262 22.65 9.87 15.06
CA LEU A 262 21.29 10.05 14.61
C LEU A 262 20.78 8.68 14.23
N ALA A 263 19.76 8.20 14.92
CA ALA A 263 19.30 6.84 14.66
C ALA A 263 17.81 6.89 14.31
N TYR A 264 17.44 6.05 13.34
CA TYR A 264 16.06 5.86 12.94
C TYR A 264 15.85 4.44 12.43
N VAL A 265 14.64 3.93 12.64
CA VAL A 265 14.32 2.53 12.37
C VAL A 265 13.61 2.43 11.03
N VAL A 266 14.06 1.50 10.20
CA VAL A 266 13.36 1.15 8.99
C VAL A 266 12.68 -0.19 9.26
N GLN A 267 11.35 -0.20 9.10
CA GLN A 267 10.48 -1.34 9.37
C GLN A 267 10.06 -1.93 8.04
N LEU A 268 10.58 -3.08 7.69
CA LEU A 268 10.34 -3.68 6.38
C LEU A 268 9.33 -4.81 6.46
N PRO A 269 8.54 -5.04 5.42
CA PRO A 269 7.50 -6.07 5.52
C PRO A 269 8.12 -7.46 5.39
N LEU A 270 7.57 -8.41 6.15
CA LEU A 270 7.87 -9.83 6.06
C LEU A 270 6.59 -10.51 5.59
N TYR A 271 6.68 -11.17 4.46
CA TYR A 271 5.51 -11.78 3.83
C TYR A 271 5.43 -13.25 4.25
N GLY A 272 4.69 -13.50 5.34
CA GLY A 272 4.44 -14.83 5.86
C GLY A 272 3.54 -15.71 5.02
N VAL A 273 2.73 -15.14 4.15
CA VAL A 273 1.87 -15.91 3.25
C VAL A 273 2.35 -15.72 1.82
N ILE A 274 2.80 -16.81 1.18
CA ILE A 274 3.32 -16.75 -0.18
C ILE A 274 2.73 -17.80 -1.09
N ASP A 275 2.44 -17.37 -2.30
CA ASP A 275 1.95 -18.19 -3.40
C ASP A 275 0.64 -18.90 -3.11
N THR A 276 -0.17 -18.33 -2.42
CA THR A 276 -1.51 -18.89 -2.21
C THR A 276 -2.39 -18.26 -3.28
N PRO A 277 -3.39 -18.99 -3.75
CA PRO A 277 -4.29 -18.44 -4.76
C PRO A 277 -4.99 -17.18 -4.28
N CYS A 278 -5.10 -16.21 -5.17
CA CYS A 278 -5.75 -14.94 -4.87
C CYS A 278 -6.66 -14.67 -6.06
N TRP A 279 -7.82 -14.07 -5.79
CA TRP A 279 -8.75 -13.70 -6.85
C TRP A 279 -9.37 -12.36 -6.51
N LYS A 280 -9.85 -11.67 -7.53
CA LYS A 280 -10.44 -10.35 -7.37
C LYS A 280 -11.89 -10.39 -7.82
N LEU A 281 -12.80 -10.00 -6.91
CA LEU A 281 -14.23 -9.98 -7.21
C LEU A 281 -14.62 -8.57 -7.68
N HIS A 282 -15.33 -8.51 -8.82
CA HIS A 282 -15.87 -7.28 -9.40
C HIS A 282 -17.39 -7.38 -9.41
N THR A 283 -18.08 -6.34 -8.96
CA THR A 283 -19.54 -6.34 -8.89
C THR A 283 -20.10 -5.10 -9.59
N SER A 284 -21.35 -5.20 -10.09
CA SER A 284 -22.02 -4.11 -10.80
C SER A 284 -23.52 -4.25 -10.58
N PRO A 285 -24.28 -3.14 -10.58
CA PRO A 285 -25.72 -3.23 -10.30
C PRO A 285 -26.47 -4.08 -11.33
N LEU A 286 -27.38 -4.90 -10.81
CA LEU A 286 -28.26 -5.82 -11.56
C LEU A 286 -29.70 -5.39 -11.31
N CYS A 287 -30.27 -4.70 -12.28
CA CYS A 287 -31.63 -4.19 -12.18
C CYS A 287 -32.54 -4.87 -13.18
N THR A 288 -33.84 -4.70 -12.97
CA THR A 288 -34.79 -5.15 -13.96
C THR A 288 -34.92 -4.03 -14.99
N THR A 289 -35.39 -4.37 -16.17
CA THR A 289 -35.42 -3.42 -17.28
C THR A 289 -36.82 -3.06 -17.78
N ASN A 290 -37.73 -2.74 -16.88
CA ASN A 290 -39.02 -2.23 -17.32
C ASN A 290 -38.90 -0.81 -17.83
N THR A 291 -39.89 -0.41 -18.64
CA THR A 291 -39.91 0.84 -19.37
C THR A 291 -40.52 1.99 -18.58
N LYS A 292 -41.05 1.71 -17.39
CA LYS A 292 -41.69 2.68 -16.52
C LYS A 292 -40.80 2.85 -15.28
N GLU A 293 -40.28 4.06 -15.10
CA GLU A 293 -39.40 4.34 -13.96
C GLU A 293 -40.18 4.30 -12.65
N GLY A 294 -39.57 3.71 -11.61
CA GLY A 294 -40.30 3.41 -10.41
C GLY A 294 -40.82 2.00 -10.34
N SER A 295 -40.66 1.23 -11.42
CA SER A 295 -41.08 -0.15 -11.40
C SER A 295 -39.89 -1.08 -11.52
N ASN A 296 -38.69 -0.58 -11.28
CA ASN A 296 -37.53 -1.42 -11.46
C ASN A 296 -36.87 -1.59 -10.11
N ILE A 297 -36.32 -2.78 -9.88
CA ILE A 297 -35.62 -3.06 -8.64
C ILE A 297 -34.21 -3.49 -9.00
N CYS A 298 -33.29 -3.26 -8.07
CA CYS A 298 -31.90 -3.53 -8.34
C CYS A 298 -31.21 -4.21 -7.19
N LEU A 299 -30.17 -4.95 -7.48
CA LEU A 299 -29.38 -5.57 -6.45
C LEU A 299 -27.94 -5.57 -6.87
N THR A 300 -27.05 -5.50 -5.90
CA THR A 300 -25.64 -5.56 -6.18
C THR A 300 -24.91 -6.38 -5.15
N ARG A 301 -24.08 -7.30 -5.59
CA ARG A 301 -23.27 -8.07 -4.66
C ARG A 301 -22.32 -7.15 -3.93
N THR A 302 -22.08 -7.43 -2.67
CA THR A 302 -21.20 -6.58 -1.92
C THR A 302 -19.87 -7.30 -1.73
N ASP A 303 -18.95 -6.63 -1.05
CA ASP A 303 -17.63 -7.17 -0.78
C ASP A 303 -16.84 -7.49 -2.05
N ARG A 304 -16.70 -6.47 -2.87
CA ARG A 304 -15.86 -6.57 -4.03
C ARG A 304 -14.45 -6.24 -3.57
N GLY A 305 -13.47 -6.88 -4.20
CA GLY A 305 -12.08 -6.60 -3.86
C GLY A 305 -11.24 -7.86 -4.00
N TRP A 306 -10.14 -7.87 -3.26
CA TRP A 306 -9.17 -8.97 -3.31
C TRP A 306 -9.44 -9.97 -2.21
N TYR A 307 -9.44 -11.25 -2.58
CA TYR A 307 -9.52 -12.42 -1.71
C TYR A 307 -8.30 -13.31 -1.91
N CYS A 308 -7.66 -13.76 -0.83
CA CYS A 308 -6.54 -14.67 -0.97
C CYS A 308 -6.70 -15.78 0.06
N ASP A 309 -6.40 -17.02 -0.36
CA ASP A 309 -6.40 -18.15 0.55
C ASP A 309 -5.29 -17.96 1.58
N ASN A 310 -5.62 -18.17 2.84
CA ASN A 310 -4.70 -17.93 3.96
C ASN A 310 -5.00 -18.81 5.16
N ALA A 311 -4.14 -19.82 5.35
CA ALA A 311 -4.15 -20.61 6.57
C ALA A 311 -5.53 -21.23 6.84
N GLY A 312 -6.09 -21.91 5.84
CA GLY A 312 -7.38 -22.56 6.01
C GLY A 312 -8.61 -21.66 5.96
N SER A 313 -8.42 -20.33 5.90
CA SER A 313 -9.48 -19.31 5.75
C SER A 313 -9.18 -18.45 4.51
N VAL A 314 -9.99 -17.42 4.31
CA VAL A 314 -9.78 -16.45 3.23
C VAL A 314 -9.51 -15.07 3.82
N SER A 315 -8.44 -14.43 3.41
CA SER A 315 -8.16 -13.06 3.81
C SER A 315 -8.76 -12.15 2.75
N PHE A 316 -9.75 -11.35 3.13
CA PHE A 316 -10.44 -10.39 2.28
C PHE A 316 -9.95 -8.97 2.51
N PHE A 317 -9.71 -8.24 1.42
CA PHE A 317 -9.22 -6.86 1.47
C PHE A 317 -10.27 -5.94 0.86
N PRO A 318 -11.08 -5.29 1.70
CA PRO A 318 -12.17 -4.44 1.17
C PRO A 318 -11.68 -3.11 0.59
N GLN A 319 -10.67 -2.47 1.20
CA GLN A 319 -10.16 -1.19 0.72
C GLN A 319 -9.40 -1.37 -0.60
N ALA A 320 -9.56 -0.40 -1.51
CA ALA A 320 -9.00 -0.57 -2.86
C ALA A 320 -7.50 -0.32 -2.92
N GLU A 321 -6.99 0.55 -2.07
CA GLU A 321 -5.58 0.91 -2.08
C GLU A 321 -4.67 0.02 -1.23
N THR A 322 -5.21 -1.00 -0.56
CA THR A 322 -4.39 -1.86 0.29
C THR A 322 -3.67 -3.01 -0.41
N CYS A 323 -3.80 -3.18 -1.73
CA CYS A 323 -3.11 -4.29 -2.41
C CYS A 323 -2.47 -3.79 -3.69
N LYS A 324 -1.15 -3.93 -3.76
CA LYS A 324 -0.41 -3.59 -4.97
C LYS A 324 -0.20 -4.84 -5.80
N VAL A 325 -0.42 -4.76 -7.12
CA VAL A 325 -0.29 -5.94 -7.95
C VAL A 325 0.91 -5.72 -8.87
N GLN A 326 1.79 -6.73 -8.93
CA GLN A 326 2.93 -6.79 -9.84
C GLN A 326 2.93 -8.13 -10.54
N SER A 327 2.74 -8.12 -11.86
CA SER A 327 2.73 -9.38 -12.58
C SER A 327 1.43 -10.06 -12.18
N ASN A 328 1.52 -11.29 -11.71
CA ASN A 328 0.35 -11.96 -11.17
C ASN A 328 0.43 -12.13 -9.67
N ARG A 329 1.23 -11.31 -9.00
CA ARG A 329 1.42 -11.36 -7.56
C ARG A 329 0.74 -10.17 -6.90
N VAL A 330 -0.07 -10.44 -5.86
CA VAL A 330 -0.73 -9.41 -5.04
C VAL A 330 0.07 -9.24 -3.75
N PHE A 331 0.33 -8.00 -3.35
CA PHE A 331 1.08 -7.68 -2.14
C PHE A 331 0.14 -6.86 -1.27
N CYS A 332 -0.36 -7.53 -0.26
CA CYS A 332 -1.32 -6.96 0.67
C CYS A 332 -0.72 -6.90 2.08
N ASP A 333 -1.34 -6.10 2.93
CA ASP A 333 -0.97 -5.99 4.32
C ASP A 333 -2.18 -6.57 5.03
N THR A 334 -1.94 -7.57 5.85
CA THR A 334 -3.02 -8.26 6.56
C THR A 334 -3.72 -7.41 7.60
N MET A 335 -3.12 -6.29 7.96
CA MET A 335 -3.72 -5.40 8.93
C MET A 335 -4.99 -4.82 8.42
N ASN A 336 -5.09 -4.71 7.12
CA ASN A 336 -6.29 -4.20 6.52
C ASN A 336 -7.11 -5.31 5.89
N SER A 337 -7.37 -6.39 6.62
CA SER A 337 -8.04 -7.51 5.96
C SER A 337 -9.12 -7.95 6.93
N LEU A 338 -10.03 -8.75 6.46
CA LEU A 338 -10.96 -9.46 7.28
C LEU A 338 -10.73 -10.93 6.99
N THR A 339 -10.90 -11.77 7.98
CA THR A 339 -10.71 -13.20 7.84
C THR A 339 -12.08 -13.82 7.67
N LEU A 340 -12.31 -14.49 6.55
CA LEU A 340 -13.59 -15.06 6.25
C LEU A 340 -13.47 -16.57 6.06
N PRO A 341 -14.55 -17.31 6.32
CA PRO A 341 -14.51 -18.75 6.03
C PRO A 341 -14.35 -18.98 4.54
N SER A 342 -13.71 -20.09 4.17
CA SER A 342 -13.48 -20.37 2.76
C SER A 342 -14.77 -20.55 2.01
N GLU A 343 -15.89 -20.72 2.72
CA GLU A 343 -17.16 -20.86 2.03
C GLU A 343 -17.61 -19.55 1.40
N VAL A 344 -16.90 -18.44 1.66
CA VAL A 344 -17.30 -17.19 1.04
C VAL A 344 -17.11 -17.31 -0.47
N ASN A 345 -16.26 -18.19 -0.95
CA ASN A 345 -16.16 -18.35 -2.39
C ASN A 345 -17.41 -18.90 -3.08
N LEU A 346 -18.33 -19.45 -2.31
CA LEU A 346 -19.52 -20.02 -2.91
C LEU A 346 -20.46 -18.97 -3.46
N CYS A 347 -20.29 -17.74 -3.02
CA CYS A 347 -21.09 -16.66 -3.55
C CYS A 347 -20.72 -16.47 -5.00
N ASN A 348 -19.59 -17.01 -5.42
CA ASN A 348 -19.24 -16.99 -6.82
C ASN A 348 -19.80 -18.17 -7.61
N VAL A 349 -20.11 -19.31 -7.00
CA VAL A 349 -20.66 -20.39 -7.79
C VAL A 349 -22.16 -20.62 -7.57
N ASP A 350 -22.66 -20.36 -6.37
CA ASP A 350 -24.07 -20.52 -6.00
C ASP A 350 -24.43 -19.44 -4.98
N ILE A 351 -25.10 -18.36 -5.39
CA ILE A 351 -25.27 -17.29 -4.41
C ILE A 351 -26.41 -17.62 -3.45
N PHE A 352 -27.31 -18.51 -3.83
CA PHE A 352 -28.47 -18.99 -3.08
C PHE A 352 -28.09 -20.17 -2.15
N ASN A 353 -26.81 -20.42 -2.00
CA ASN A 353 -26.23 -21.55 -1.28
C ASN A 353 -26.19 -21.34 0.23
N PRO A 354 -26.78 -22.26 1.01
CA PRO A 354 -26.80 -22.11 2.47
C PRO A 354 -25.50 -22.26 3.22
N LYS A 355 -24.38 -22.70 2.66
CA LYS A 355 -23.27 -22.74 3.60
C LYS A 355 -22.78 -21.34 3.98
N TYR A 356 -22.91 -20.35 3.09
CA TYR A 356 -22.51 -18.98 3.40
C TYR A 356 -23.59 -17.99 2.96
N ASP A 357 -23.96 -17.07 3.84
CA ASP A 357 -25.00 -16.07 3.53
C ASP A 357 -24.48 -14.91 2.66
N CYS A 358 -24.42 -15.13 1.35
CA CYS A 358 -24.09 -14.15 0.30
C CYS A 358 -24.72 -12.77 0.45
N LYS A 359 -23.90 -11.76 0.67
CA LYS A 359 -24.41 -10.45 1.02
C LYS A 359 -24.66 -9.62 -0.25
N ILE A 360 -25.73 -8.83 -0.22
CA ILE A 360 -26.12 -7.94 -1.30
C ILE A 360 -26.61 -6.63 -0.72
N MET A 361 -26.73 -5.64 -1.60
CA MET A 361 -27.38 -4.37 -1.31
C MET A 361 -28.42 -4.15 -2.39
N THR A 362 -29.52 -3.51 -2.03
CA THR A 362 -30.62 -3.33 -2.97
C THR A 362 -30.93 -1.84 -3.14
N SER A 363 -31.53 -1.51 -4.26
CA SER A 363 -31.91 -0.13 -4.46
C SER A 363 -32.83 -0.05 -5.66
N LYS A 364 -33.17 1.18 -6.02
CA LYS A 364 -33.90 1.48 -7.24
C LYS A 364 -33.06 2.47 -8.07
N THR A 365 -31.73 2.43 -7.92
CA THR A 365 -30.92 3.40 -8.64
C THR A 365 -30.32 2.68 -9.84
N ASP A 366 -31.03 2.75 -10.95
CA ASP A 366 -30.59 2.09 -12.18
C ASP A 366 -29.88 3.17 -13.00
N VAL A 367 -28.63 3.46 -12.62
CA VAL A 367 -27.79 4.39 -13.35
C VAL A 367 -26.77 3.50 -14.04
N SER A 368 -26.50 3.78 -15.30
CA SER A 368 -25.60 2.93 -16.06
C SER A 368 -24.17 3.11 -15.58
N SER A 369 -23.39 2.03 -15.67
CA SER A 369 -21.99 2.07 -15.26
C SER A 369 -21.27 0.89 -15.86
N SER A 370 -19.95 0.92 -15.75
CA SER A 370 -19.10 -0.14 -16.21
C SER A 370 -17.97 -0.37 -15.23
N VAL A 371 -17.47 -1.60 -15.21
CA VAL A 371 -16.34 -1.98 -14.36
C VAL A 371 -15.34 -2.64 -15.28
N ILE A 372 -14.13 -2.10 -15.34
CA ILE A 372 -13.04 -2.68 -16.11
C ILE A 372 -12.42 -3.78 -15.26
N THR A 373 -12.50 -5.03 -15.71
CA THR A 373 -11.95 -6.17 -14.97
C THR A 373 -10.54 -6.49 -15.45
N SER A 374 -10.00 -7.65 -15.05
CA SER A 374 -8.65 -7.97 -15.49
C SER A 374 -8.62 -8.37 -16.96
N LEU A 375 -9.68 -9.02 -17.44
CA LEU A 375 -9.68 -9.52 -18.82
C LEU A 375 -10.88 -9.07 -19.64
N GLY A 376 -11.60 -8.04 -19.21
CA GLY A 376 -12.75 -7.62 -19.95
C GLY A 376 -13.44 -6.46 -19.29
N ALA A 377 -14.76 -6.40 -19.37
CA ALA A 377 -15.49 -5.28 -18.80
C ALA A 377 -16.92 -5.72 -18.54
N ILE A 378 -17.42 -5.41 -17.34
CA ILE A 378 -18.82 -5.58 -17.02
C ILE A 378 -19.53 -4.28 -17.35
N VAL A 379 -20.70 -4.36 -17.96
CA VAL A 379 -21.49 -3.18 -18.34
C VAL A 379 -22.90 -3.36 -17.80
N SER A 380 -23.33 -2.41 -16.98
CA SER A 380 -24.71 -2.33 -16.51
C SER A 380 -25.34 -1.16 -17.26
N CYS A 381 -26.20 -1.47 -18.22
CA CYS A 381 -26.83 -0.47 -19.09
C CYS A 381 -28.29 -0.37 -18.75
N TYR A 382 -28.76 0.84 -18.46
CA TYR A 382 -30.14 1.02 -18.07
C TYR A 382 -30.70 2.31 -18.63
N GLY A 383 -32.01 2.35 -18.85
CA GLY A 383 -32.62 3.57 -19.34
C GLY A 383 -32.28 3.73 -20.82
N LYS A 384 -31.99 4.95 -21.23
CA LYS A 384 -31.61 5.34 -22.59
C LYS A 384 -30.12 5.39 -22.81
N THR A 385 -29.32 4.84 -21.91
CA THR A 385 -27.88 4.98 -22.03
C THR A 385 -27.37 4.19 -23.22
N LYS A 386 -26.42 4.80 -23.91
CA LYS A 386 -25.78 4.25 -25.10
C LYS A 386 -24.53 3.50 -24.66
N CYS A 387 -24.64 2.18 -24.57
CA CYS A 387 -23.52 1.32 -24.20
C CYS A 387 -23.00 0.53 -25.38
N THR A 388 -21.68 0.51 -25.55
CA THR A 388 -21.06 -0.14 -26.70
C THR A 388 -19.64 -0.55 -26.35
N ALA A 389 -19.09 -1.43 -27.18
CA ALA A 389 -17.73 -1.91 -27.12
C ALA A 389 -17.14 -1.84 -28.52
N SER A 390 -16.00 -1.15 -28.63
CA SER A 390 -15.35 -0.86 -29.88
C SER A 390 -13.91 -1.35 -29.99
N ASN A 391 -13.54 -1.53 -31.25
CA ASN A 391 -12.17 -1.77 -31.69
C ASN A 391 -11.66 -0.50 -32.35
N LYS A 392 -10.38 -0.22 -32.18
CA LYS A 392 -9.82 1.05 -32.64
C LYS A 392 -9.97 1.24 -34.15
N ASN A 393 -9.86 0.17 -34.93
CA ASN A 393 -9.92 0.31 -36.38
C ASN A 393 -11.22 -0.16 -37.00
N ARG A 394 -11.98 -1.00 -36.34
CA ARG A 394 -13.26 -1.47 -36.86
C ARG A 394 -14.45 -0.67 -36.38
N GLY A 395 -14.33 0.01 -35.26
CA GLY A 395 -15.47 0.73 -34.75
C GLY A 395 -16.27 -0.08 -33.76
N ILE A 396 -17.55 0.21 -33.67
CA ILE A 396 -18.41 -0.49 -32.73
C ILE A 396 -18.60 -1.93 -33.15
N ILE A 397 -18.17 -2.85 -32.29
CA ILE A 397 -18.32 -4.27 -32.53
C ILE A 397 -19.38 -4.90 -31.64
N LYS A 398 -19.86 -4.19 -30.62
CA LYS A 398 -20.91 -4.74 -29.77
C LYS A 398 -21.75 -3.66 -29.12
N THR A 399 -23.05 -3.78 -29.20
CA THR A 399 -23.98 -2.89 -28.52
C THR A 399 -24.69 -3.67 -27.42
N PHE A 400 -24.56 -3.19 -26.18
CA PHE A 400 -25.15 -3.84 -25.01
C PHE A 400 -26.63 -3.51 -24.91
N SER A 401 -27.44 -4.50 -24.53
CA SER A 401 -28.82 -4.13 -24.29
C SER A 401 -28.98 -3.79 -22.82
N ASN A 402 -30.21 -3.43 -22.44
CA ASN A 402 -30.51 -3.05 -21.07
C ASN A 402 -30.36 -4.29 -20.22
N GLY A 403 -29.63 -4.16 -19.12
CA GLY A 403 -29.31 -5.24 -18.21
C GLY A 403 -27.83 -5.24 -17.93
N CYS A 404 -27.34 -6.33 -17.38
CA CYS A 404 -25.92 -6.46 -17.09
C CYS A 404 -25.27 -7.45 -18.02
N ASP A 405 -24.16 -7.03 -18.62
CA ASP A 405 -23.49 -7.89 -19.56
C ASP A 405 -22.00 -7.76 -19.44
N TYR A 406 -21.28 -8.51 -20.25
CA TYR A 406 -19.84 -8.53 -20.19
C TYR A 406 -19.23 -8.74 -21.53
N VAL A 407 -18.04 -8.22 -21.72
CA VAL A 407 -17.33 -8.47 -22.96
C VAL A 407 -15.87 -8.71 -22.58
N SER A 408 -15.21 -9.66 -23.25
CA SER A 408 -13.80 -9.99 -23.04
C SER A 408 -12.93 -8.98 -23.77
N ASN A 409 -11.64 -8.95 -23.42
CA ASN A 409 -10.74 -8.03 -24.10
C ASN A 409 -10.25 -8.53 -25.46
N LYS A 410 -10.57 -9.76 -25.88
CA LYS A 410 -10.13 -10.23 -27.21
C LYS A 410 -10.88 -9.56 -28.34
N GLY A 411 -10.20 -8.59 -28.96
CA GLY A 411 -10.76 -7.83 -30.06
C GLY A 411 -11.37 -6.51 -29.65
N VAL A 412 -11.48 -6.26 -28.34
CA VAL A 412 -12.07 -5.05 -27.81
C VAL A 412 -10.97 -4.17 -27.26
N ASP A 413 -11.03 -2.91 -27.58
CA ASP A 413 -10.09 -1.95 -27.07
C ASP A 413 -10.76 -1.06 -26.04
N THR A 414 -11.95 -0.59 -26.36
CA THR A 414 -12.67 0.32 -25.49
C THR A 414 -14.12 -0.09 -25.28
N VAL A 415 -14.66 0.48 -24.21
CA VAL A 415 -16.05 0.36 -23.84
C VAL A 415 -16.58 1.75 -23.52
N SER A 416 -17.67 2.15 -24.15
CA SER A 416 -18.26 3.46 -23.93
C SER A 416 -19.61 3.29 -23.25
N VAL A 417 -19.82 4.02 -22.16
CA VAL A 417 -21.08 4.04 -21.43
C VAL A 417 -21.51 5.50 -21.24
N GLY A 418 -22.56 5.91 -21.94
CA GLY A 418 -22.96 7.32 -21.88
C GLY A 418 -21.88 8.17 -22.53
N ASN A 419 -21.42 9.20 -21.83
CA ASN A 419 -20.36 10.06 -22.34
C ASN A 419 -18.98 9.65 -21.87
N THR A 420 -18.82 8.46 -21.33
CA THR A 420 -17.53 8.00 -20.80
C THR A 420 -16.94 6.85 -21.58
N LEU A 421 -15.63 6.94 -21.85
CA LEU A 421 -14.90 5.93 -22.57
C LEU A 421 -13.87 5.31 -21.64
N TYR A 422 -13.95 3.99 -21.48
CA TYR A 422 -13.05 3.14 -20.71
C TYR A 422 -12.14 2.34 -21.63
N TYR A 423 -10.90 2.16 -21.21
CA TYR A 423 -9.98 1.27 -21.91
C TYR A 423 -9.94 -0.09 -21.22
N VAL A 424 -10.07 -1.09 -22.01
CA VAL A 424 -9.94 -2.47 -21.59
C VAL A 424 -8.47 -2.85 -21.38
N ASN A 425 -8.21 -3.59 -20.32
CA ASN A 425 -6.86 -4.07 -20.04
C ASN A 425 -6.47 -5.08 -21.11
N LYS A 426 -5.30 -4.89 -21.72
CA LYS A 426 -4.85 -5.77 -22.81
C LYS A 426 -4.03 -6.97 -22.34
N GLN A 427 -4.27 -7.46 -21.13
CA GLN A 427 -3.58 -8.64 -20.61
C GLN A 427 -4.11 -9.90 -21.27
N GLU A 428 -3.21 -10.84 -21.58
CA GLU A 428 -3.64 -12.09 -22.19
C GLU A 428 -4.21 -13.06 -21.14
N GLY A 429 -5.31 -13.72 -21.48
CA GLY A 429 -5.95 -14.66 -20.59
C GLY A 429 -7.27 -15.12 -21.20
N LYS A 430 -7.85 -16.15 -20.59
CA LYS A 430 -9.13 -16.71 -21.01
C LYS A 430 -10.27 -16.19 -20.14
N SER A 431 -11.32 -15.68 -20.78
CA SER A 431 -12.59 -15.38 -20.13
C SER A 431 -13.63 -16.45 -20.41
N LEU A 432 -14.51 -16.66 -19.44
CA LEU A 432 -15.60 -17.63 -19.52
C LEU A 432 -16.85 -16.88 -19.12
N TYR A 433 -17.81 -16.83 -20.03
CA TYR A 433 -19.08 -16.18 -19.83
C TYR A 433 -20.02 -17.25 -19.31
N VAL A 434 -20.36 -17.20 -18.02
CA VAL A 434 -21.24 -18.19 -17.41
C VAL A 434 -22.66 -17.67 -17.51
N LYS A 435 -23.40 -18.15 -18.50
CA LYS A 435 -24.76 -17.68 -18.71
C LYS A 435 -25.66 -18.12 -17.56
N GLY A 436 -26.68 -17.31 -17.29
CA GLY A 436 -27.60 -17.62 -16.24
C GLY A 436 -28.65 -16.54 -16.12
N GLU A 437 -29.80 -16.92 -15.60
CA GLU A 437 -30.89 -15.98 -15.43
C GLU A 437 -30.55 -14.92 -14.39
N PRO A 438 -30.72 -13.63 -14.69
CA PRO A 438 -30.47 -12.62 -13.66
C PRO A 438 -31.37 -12.86 -12.45
N ILE A 439 -30.75 -12.98 -11.27
CA ILE A 439 -31.52 -13.34 -10.08
C ILE A 439 -32.49 -12.27 -9.67
N ILE A 440 -32.33 -11.05 -10.20
CA ILE A 440 -33.27 -10.00 -9.84
C ILE A 440 -34.64 -10.33 -10.40
N ASN A 441 -34.72 -11.18 -11.42
CA ASN A 441 -36.02 -11.56 -11.98
C ASN A 441 -36.80 -12.53 -11.10
N PHE A 442 -36.19 -13.13 -10.08
CA PHE A 442 -36.90 -14.06 -9.21
C PHE A 442 -37.66 -13.37 -8.11
N TYR A 443 -37.70 -12.05 -8.11
CA TYR A 443 -38.26 -11.31 -7.00
C TYR A 443 -39.52 -10.60 -7.45
N ASP A 444 -40.57 -10.73 -6.64
CA ASP A 444 -41.77 -9.97 -6.92
C ASP A 444 -41.48 -8.53 -6.53
N PRO A 445 -41.67 -7.56 -7.44
CA PRO A 445 -41.30 -6.18 -7.12
C PRO A 445 -42.06 -5.59 -5.96
N LEU A 446 -43.35 -5.92 -5.83
CA LEU A 446 -44.17 -5.27 -4.83
C LEU A 446 -43.62 -5.53 -3.45
N VAL A 447 -43.14 -6.74 -3.16
CA VAL A 447 -42.66 -7.01 -1.81
C VAL A 447 -41.12 -6.98 -1.71
N PHE A 448 -40.41 -6.53 -2.75
CA PHE A 448 -38.95 -6.55 -2.69
C PHE A 448 -38.50 -5.49 -1.67
N PRO A 449 -37.51 -5.78 -0.79
CA PRO A 449 -36.97 -4.68 0.04
C PRO A 449 -35.99 -3.91 -0.82
N SER A 450 -36.37 -2.74 -1.33
CA SER A 450 -35.56 -2.05 -2.33
C SER A 450 -34.64 -0.96 -1.82
N ASP A 451 -34.37 -0.88 -0.53
CA ASP A 451 -33.47 0.16 -0.03
C ASP A 451 -32.56 -0.42 1.03
N GLU A 452 -32.15 -1.68 0.86
CA GLU A 452 -31.27 -2.26 1.86
C GLU A 452 -29.83 -1.90 1.55
N PHE A 453 -29.10 -1.63 2.60
CA PHE A 453 -27.75 -1.14 2.44
C PHE A 453 -26.70 -2.20 2.73
N ASP A 454 -27.08 -3.27 3.42
CA ASP A 454 -26.21 -4.39 3.79
C ASP A 454 -26.95 -5.67 4.09
N ALA A 455 -27.71 -6.16 3.14
CA ALA A 455 -28.57 -7.30 3.33
C ALA A 455 -27.98 -8.57 2.72
N SER A 456 -28.28 -9.66 3.35
CA SER A 456 -27.97 -11.02 2.94
C SER A 456 -29.05 -11.56 2.02
N ILE A 457 -28.69 -12.59 1.26
CA ILE A 457 -29.69 -13.21 0.40
C ILE A 457 -30.84 -13.74 1.28
N SER A 458 -30.48 -14.49 2.34
CA SER A 458 -31.51 -15.00 3.25
C SER A 458 -32.18 -13.89 4.06
N GLN A 459 -31.48 -12.81 4.33
CA GLN A 459 -32.10 -11.70 5.04
C GLN A 459 -33.20 -11.10 4.16
N VAL A 460 -32.93 -10.95 2.86
CA VAL A 460 -33.94 -10.39 1.97
C VAL A 460 -35.09 -11.38 1.88
N ASN A 461 -34.79 -12.70 1.82
CA ASN A 461 -35.89 -13.66 1.74
C ASN A 461 -36.76 -13.65 2.99
N GLU A 462 -36.18 -13.50 4.19
CA GLU A 462 -37.00 -13.43 5.39
C GLU A 462 -37.83 -12.14 5.44
N LYS A 463 -37.25 -11.03 4.99
CA LYS A 463 -38.01 -9.79 4.95
C LYS A 463 -39.16 -9.90 3.92
N ILE A 464 -38.98 -10.72 2.88
CA ILE A 464 -40.04 -10.95 1.91
C ILE A 464 -41.10 -11.86 2.50
N ASN A 465 -40.69 -12.83 3.31
CA ASN A 465 -41.64 -13.70 3.99
C ASN A 465 -42.50 -12.92 4.98
N GLN A 466 -41.92 -11.88 5.58
CA GLN A 466 -42.65 -11.02 6.51
C GLN A 466 -43.58 -10.06 5.77
N SER A 467 -43.18 -9.63 4.58
CA SER A 467 -44.06 -8.75 3.82
C SER A 467 -45.16 -9.56 3.17
N LEU A 468 -44.92 -10.86 2.97
CA LEU A 468 -45.97 -11.72 2.45
C LEU A 468 -46.93 -12.09 3.57
N ALA A 469 -46.46 -12.13 4.83
CA ALA A 469 -47.40 -12.34 5.93
C ALA A 469 -48.30 -11.13 6.17
N PHE A 470 -47.80 -9.91 5.95
CA PHE A 470 -48.68 -8.73 6.09
C PHE A 470 -49.76 -8.61 5.01
N ILE A 471 -49.60 -9.28 3.87
CA ILE A 471 -50.57 -9.28 2.78
C ILE A 471 -51.43 -10.53 2.85
N ARG A 472 -50.86 -11.59 3.43
CA ARG A 472 -51.57 -12.86 3.58
C ARG A 472 -52.78 -12.71 4.49
N LYS A 473 -52.60 -12.01 5.62
CA LYS A 473 -53.71 -11.82 6.56
C LYS A 473 -54.82 -10.95 5.97
N SER A 474 -54.49 -10.04 5.07
CA SER A 474 -55.49 -9.18 4.44
C SER A 474 -55.78 -9.64 3.00
#